data_2K5K
#
_entry.id   2K5K
#
_entity_poly.entity_id   1
_entity_poly.type   'polypeptide(L)'
_entity_poly.pdbx_seq_one_letter_code
;MRDMTEETRKDLPPEALRALAEAEERRRRAKALDLPKEIGGRNGPEPVRFGDWEKKGIAIDFLEHHHHHH
;
_entity_poly.pdbx_strand_id   A
#
# COMPACT_ATOMS: atom_id res chain seq x y z
N MET A 1 -26.83 -2.68 6.38
CA MET A 1 -28.28 -2.46 6.64
C MET A 1 -28.42 -1.46 7.78
N ARG A 2 -29.06 -0.33 7.52
CA ARG A 2 -29.26 0.70 8.55
C ARG A 2 -30.57 1.41 8.32
N ASP A 3 -31.22 1.79 9.42
CA ASP A 3 -32.52 2.47 9.35
C ASP A 3 -32.58 3.60 10.37
N MET A 4 -31.96 3.39 11.54
CA MET A 4 -31.94 4.41 12.61
C MET A 4 -30.51 4.67 13.07
N THR A 5 -30.24 5.90 13.54
CA THR A 5 -28.91 6.27 14.01
C THR A 5 -28.51 5.40 15.20
N GLU A 6 -29.41 5.30 16.17
CA GLU A 6 -29.18 4.50 17.37
C GLU A 6 -27.73 4.64 17.84
N GLU A 7 -27.01 3.51 17.92
CA GLU A 7 -25.62 3.52 18.37
C GLU A 7 -24.73 4.23 17.35
N THR A 8 -23.89 5.16 17.82
CA THR A 8 -22.99 5.90 16.94
C THR A 8 -21.54 5.72 17.39
N ARG A 9 -20.67 5.35 16.47
CA ARG A 9 -19.26 5.15 16.80
C ARG A 9 -18.60 6.50 16.99
N LYS A 10 -17.49 6.51 17.71
CA LYS A 10 -16.74 7.74 17.95
C LYS A 10 -15.26 7.54 17.57
N ASP A 11 -14.70 8.56 16.93
CA ASP A 11 -13.30 8.52 16.50
C ASP A 11 -12.92 7.15 15.95
N LEU A 12 -13.44 6.83 14.76
CA LEU A 12 -13.16 5.55 14.12
C LEU A 12 -11.65 5.30 14.07
N PRO A 13 -11.22 4.06 14.17
CA PRO A 13 -9.77 3.71 14.13
C PRO A 13 -9.14 3.99 12.76
N PRO A 14 -7.83 4.07 12.69
CA PRO A 14 -7.11 4.33 11.41
C PRO A 14 -7.10 3.10 10.50
N GLU A 15 -8.26 2.47 10.36
CA GLU A 15 -8.37 1.29 9.50
C GLU A 15 -8.14 1.67 8.05
N ALA A 16 -8.76 2.78 7.64
CA ALA A 16 -8.62 3.26 6.27
C ALA A 16 -7.27 3.93 6.08
N LEU A 17 -6.83 4.66 7.10
CA LEU A 17 -5.55 5.35 7.05
C LEU A 17 -4.42 4.32 6.94
N ARG A 18 -4.51 3.28 7.74
CA ARG A 18 -3.51 2.22 7.72
C ARG A 18 -3.56 1.51 6.37
N ALA A 19 -4.76 1.36 5.84
CA ALA A 19 -4.93 0.70 4.55
C ALA A 19 -4.10 1.42 3.50
N LEU A 20 -4.13 2.75 3.56
CA LEU A 20 -3.37 3.56 2.62
C LEU A 20 -1.88 3.30 2.81
N ALA A 21 -1.46 3.18 4.06
CA ALA A 21 -0.06 2.90 4.38
C ALA A 21 0.35 1.54 3.86
N GLU A 22 -0.55 0.55 3.98
CA GLU A 22 -0.26 -0.79 3.50
C GLU A 22 -0.18 -0.78 1.97
N ALA A 23 -1.03 0.01 1.35
CA ALA A 23 -1.05 0.12 -0.11
C ALA A 23 0.27 0.74 -0.58
N GLU A 24 0.84 1.61 0.26
CA GLU A 24 2.09 2.28 -0.06
C GLU A 24 3.24 1.27 -0.04
N GLU A 25 3.20 0.35 0.91
CA GLU A 25 4.25 -0.67 1.03
C GLU A 25 4.53 -1.28 -0.34
N ARG A 26 3.60 -1.09 -1.27
CA ARG A 26 3.74 -1.64 -2.62
C ARG A 26 3.20 -0.65 -3.68
N ARG A 27 3.83 -0.66 -4.86
CA ARG A 27 3.40 0.23 -5.95
C ARG A 27 3.55 -0.50 -7.29
N ARG A 28 2.74 -0.08 -8.27
CA ARG A 28 2.77 -0.69 -9.60
C ARG A 28 4.15 -0.53 -10.25
N ARG A 29 4.73 0.65 -10.12
CA ARG A 29 6.05 0.92 -10.68
C ARG A 29 7.10 0.03 -10.03
N ALA A 30 6.93 -0.23 -8.74
CA ALA A 30 7.87 -1.07 -7.99
C ALA A 30 7.86 -2.50 -8.53
N LYS A 31 6.68 -2.97 -8.93
CA LYS A 31 6.56 -4.33 -9.45
C LYS A 31 7.28 -4.45 -10.79
N ALA A 32 7.83 -3.33 -11.26
CA ALA A 32 8.55 -3.31 -12.53
C ALA A 32 7.58 -3.38 -13.70
N LEU A 33 6.61 -2.46 -13.73
CA LEU A 33 5.63 -2.43 -14.80
C LEU A 33 5.12 -1.01 -15.03
N ASP A 34 5.84 -0.25 -15.85
CA ASP A 34 5.47 1.13 -16.14
C ASP A 34 4.12 1.19 -16.86
N LEU A 35 3.89 0.25 -17.78
CA LEU A 35 2.65 0.18 -18.53
C LEU A 35 2.61 1.22 -19.65
N PRO A 36 3.58 1.19 -20.54
CA PRO A 36 3.64 2.15 -21.68
C PRO A 36 2.51 1.96 -22.69
N LYS A 37 1.85 0.80 -22.64
CA LYS A 37 0.76 0.51 -23.56
C LYS A 37 -0.39 1.50 -23.39
N GLU A 38 -0.94 1.98 -24.52
CA GLU A 38 -2.06 2.93 -24.46
C GLU A 38 -2.80 2.95 -25.80
N ILE A 39 -2.07 2.89 -26.91
CA ILE A 39 -2.69 2.87 -28.23
C ILE A 39 -3.42 1.56 -28.46
N GLY A 40 -2.98 0.50 -27.78
CA GLY A 40 -3.58 -0.82 -27.92
C GLY A 40 -4.78 -1.00 -26.98
N GLY A 41 -5.47 -2.14 -27.12
CA GLY A 41 -6.63 -2.43 -26.28
C GLY A 41 -7.00 -3.91 -26.31
N ARG A 42 -6.18 -4.75 -25.66
CA ARG A 42 -6.42 -6.19 -25.63
C ARG A 42 -7.54 -6.55 -24.63
N ASN A 43 -8.28 -7.62 -24.95
CA ASN A 43 -9.38 -8.07 -24.10
C ASN A 43 -8.83 -8.72 -22.82
N GLY A 44 -9.49 -8.45 -21.69
CA GLY A 44 -9.08 -9.01 -20.40
C GLY A 44 -10.23 -9.77 -19.76
N PRO A 45 -10.13 -10.02 -18.48
CA PRO A 45 -11.18 -10.77 -17.72
C PRO A 45 -12.55 -10.11 -17.78
N GLU A 46 -13.60 -10.93 -17.81
CA GLU A 46 -14.96 -10.43 -17.88
C GLU A 46 -15.97 -11.51 -17.45
N PRO A 47 -16.16 -11.68 -16.16
CA PRO A 47 -17.11 -12.70 -15.61
C PRO A 47 -18.55 -12.43 -16.08
N VAL A 48 -19.31 -13.51 -16.29
CA VAL A 48 -20.70 -13.40 -16.75
C VAL A 48 -21.53 -12.53 -15.81
N ARG A 49 -22.63 -11.97 -16.35
CA ARG A 49 -23.50 -11.11 -15.56
C ARG A 49 -24.37 -11.92 -14.60
N PHE A 50 -23.72 -12.58 -13.64
CA PHE A 50 -24.43 -13.39 -12.65
C PHE A 50 -24.43 -12.68 -11.30
N GLY A 51 -25.54 -12.78 -10.57
CA GLY A 51 -25.66 -12.14 -9.26
C GLY A 51 -26.75 -12.80 -8.43
N ASP A 52 -26.69 -12.61 -7.11
CA ASP A 52 -27.68 -13.19 -6.20
C ASP A 52 -27.92 -12.29 -5.00
N TRP A 53 -29.05 -11.59 -4.99
CA TRP A 53 -29.40 -10.69 -3.89
C TRP A 53 -30.54 -11.29 -3.06
N GLU A 54 -30.42 -11.21 -1.73
CA GLU A 54 -31.47 -11.73 -0.84
C GLU A 54 -31.79 -10.73 0.27
N LYS A 55 -32.15 -9.51 -0.12
CA LYS A 55 -32.48 -8.46 0.84
C LYS A 55 -33.73 -8.80 1.67
N LYS A 56 -34.76 -9.33 1.02
CA LYS A 56 -36.00 -9.69 1.72
C LYS A 56 -35.72 -10.70 2.83
N GLY A 57 -36.34 -10.51 3.99
CA GLY A 57 -36.14 -11.41 5.12
C GLY A 57 -36.61 -10.76 6.42
N ILE A 58 -36.13 -11.28 7.54
CA ILE A 58 -36.48 -10.75 8.86
C ILE A 58 -35.97 -9.31 9.02
N ALA A 59 -34.73 -9.09 8.59
CA ALA A 59 -34.11 -7.78 8.69
C ALA A 59 -34.73 -6.78 7.71
N ILE A 60 -35.56 -7.28 6.81
CA ILE A 60 -36.21 -6.42 5.81
C ILE A 60 -36.65 -5.09 6.45
N ASP A 61 -35.97 -4.01 6.07
CA ASP A 61 -36.28 -2.68 6.60
C ASP A 61 -35.85 -1.59 5.62
N PHE A 62 -36.16 -0.33 5.94
CA PHE A 62 -35.79 0.80 5.08
C PHE A 62 -36.10 2.12 5.76
N MET A 1 -23.12 13.27 21.40
CA MET A 1 -21.68 13.58 21.16
C MET A 1 -20.83 12.34 21.44
N ARG A 2 -21.16 11.64 22.53
CA ARG A 2 -20.41 10.42 22.88
C ARG A 2 -21.02 9.23 22.15
N ASP A 3 -20.16 8.41 21.55
CA ASP A 3 -20.62 7.23 20.80
C ASP A 3 -20.66 6.00 21.70
N MET A 4 -21.33 4.94 21.22
CA MET A 4 -21.47 3.70 21.98
C MET A 4 -20.29 2.76 21.73
N THR A 5 -20.49 1.77 20.86
CA THR A 5 -19.43 0.81 20.56
C THR A 5 -18.23 1.51 19.92
N GLU A 6 -18.51 2.29 18.89
CA GLU A 6 -17.46 3.01 18.18
C GLU A 6 -16.82 4.05 19.08
N GLU A 7 -15.49 4.21 18.96
CA GLU A 7 -14.75 5.18 19.78
C GLU A 7 -14.44 6.44 18.97
N THR A 8 -15.08 7.54 19.35
CA THR A 8 -14.87 8.82 18.66
C THR A 8 -13.72 9.58 19.32
N ARG A 9 -12.78 10.04 18.51
CA ARG A 9 -11.63 10.79 19.00
C ARG A 9 -11.34 11.95 18.07
N LYS A 10 -10.70 11.66 16.94
CA LYS A 10 -10.39 12.69 15.95
C LYS A 10 -11.56 12.86 15.00
N ASP A 11 -11.69 11.97 14.02
CA ASP A 11 -12.78 12.06 13.06
C ASP A 11 -12.99 10.73 12.34
N LEU A 12 -12.32 10.57 11.19
CA LEU A 12 -12.46 9.35 10.41
C LEU A 12 -11.68 8.19 11.06
N PRO A 13 -12.15 6.98 10.94
CA PRO A 13 -11.45 5.81 11.55
C PRO A 13 -10.06 5.57 10.92
N PRO A 14 -9.06 5.22 11.71
CA PRO A 14 -7.69 4.95 11.20
C PRO A 14 -7.59 3.60 10.49
N GLU A 15 -8.75 2.97 10.27
CA GLU A 15 -8.78 1.67 9.61
C GLU A 15 -8.34 1.83 8.16
N ALA A 16 -8.75 2.93 7.53
CA ALA A 16 -8.39 3.20 6.15
C ALA A 16 -7.03 3.88 6.09
N LEU A 17 -6.66 4.54 7.19
CA LEU A 17 -5.38 5.24 7.25
C LEU A 17 -4.23 4.24 7.12
N ARG A 18 -4.33 3.15 7.86
CA ARG A 18 -3.30 2.11 7.80
C ARG A 18 -3.43 1.32 6.51
N ALA A 19 -4.66 1.26 5.99
CA ALA A 19 -4.92 0.54 4.75
C ALA A 19 -4.15 1.21 3.61
N LEU A 20 -4.20 2.54 3.60
CA LEU A 20 -3.50 3.31 2.58
C LEU A 20 -2.00 3.10 2.73
N ALA A 21 -1.54 3.03 3.97
CA ALA A 21 -0.13 2.82 4.25
C ALA A 21 0.34 1.48 3.70
N GLU A 22 -0.52 0.47 3.78
CA GLU A 22 -0.17 -0.85 3.26
C GLU A 22 -0.07 -0.79 1.73
N ALA A 23 -0.97 -0.02 1.13
CA ALA A 23 -0.97 0.15 -0.32
C ALA A 23 0.32 0.84 -0.76
N GLU A 24 0.81 1.75 0.08
CA GLU A 24 2.04 2.48 -0.19
C GLU A 24 3.25 1.56 -0.03
N GLU A 25 3.18 0.67 0.96
CA GLU A 25 4.28 -0.27 1.22
C GLU A 25 4.17 -1.48 0.30
N ARG A 26 2.98 -1.65 -0.28
CA ARG A 26 2.71 -2.76 -1.19
C ARG A 26 3.16 -4.09 -0.61
N ARG A 27 2.49 -4.54 0.45
CA ARG A 27 2.83 -5.82 1.07
C ARG A 27 2.19 -6.97 0.30
N ARG A 28 2.90 -8.09 0.23
CA ARG A 28 2.42 -9.27 -0.49
C ARG A 28 1.13 -9.80 0.15
N ARG A 29 1.01 -9.63 1.46
CA ARG A 29 -0.18 -10.11 2.18
C ARG A 29 -1.45 -9.43 1.64
N ALA A 30 -1.32 -8.16 1.30
CA ALA A 30 -2.46 -7.39 0.78
C ALA A 30 -2.87 -7.92 -0.59
N LYS A 31 -1.88 -8.32 -1.40
CA LYS A 31 -2.16 -8.84 -2.73
C LYS A 31 -3.02 -10.11 -2.64
N ALA A 32 -2.71 -10.96 -1.67
CA ALA A 32 -3.46 -12.20 -1.49
C ALA A 32 -4.86 -11.90 -0.96
N LEU A 33 -5.11 -10.65 -0.58
CA LEU A 33 -6.41 -10.24 -0.04
C LEU A 33 -7.08 -9.25 -0.98
N ASP A 34 -6.50 -9.08 -2.17
CA ASP A 34 -7.04 -8.13 -3.15
C ASP A 34 -8.20 -8.77 -3.92
N LEU A 35 -9.42 -8.29 -3.68
CA LEU A 35 -10.60 -8.83 -4.35
C LEU A 35 -10.80 -8.16 -5.72
N PRO A 36 -11.41 -8.86 -6.66
CA PRO A 36 -11.67 -8.32 -8.04
C PRO A 36 -12.65 -7.15 -8.03
N LYS A 37 -12.49 -6.23 -8.98
CA LYS A 37 -13.38 -5.06 -9.07
C LYS A 37 -13.76 -4.78 -10.53
N GLU A 38 -12.82 -4.23 -11.31
CA GLU A 38 -13.10 -3.92 -12.71
C GLU A 38 -11.81 -3.56 -13.45
N ILE A 39 -11.33 -2.32 -13.28
CA ILE A 39 -10.10 -1.88 -13.93
C ILE A 39 -9.15 -1.26 -12.91
N GLY A 40 -7.87 -1.64 -12.98
CA GLY A 40 -6.87 -1.12 -12.05
C GLY A 40 -5.46 -1.18 -12.65
N GLY A 41 -4.55 -0.43 -12.05
CA GLY A 41 -3.16 -0.41 -12.52
C GLY A 41 -3.06 0.09 -13.97
N ARG A 42 -2.60 1.33 -14.13
CA ARG A 42 -2.44 1.93 -15.45
C ARG A 42 -3.68 1.71 -16.33
N ASN A 43 -4.67 2.57 -16.16
CA ASN A 43 -5.90 2.47 -16.94
C ASN A 43 -5.68 2.93 -18.38
N GLY A 44 -4.82 2.23 -19.11
CA GLY A 44 -4.53 2.57 -20.50
C GLY A 44 -5.55 1.97 -21.46
N PRO A 45 -5.88 0.72 -21.26
CA PRO A 45 -6.88 -0.01 -22.12
C PRO A 45 -8.25 0.65 -22.11
N GLU A 46 -8.93 0.59 -23.26
CA GLU A 46 -10.26 1.18 -23.41
C GLU A 46 -11.11 0.97 -22.15
N PRO A 47 -12.03 1.87 -21.86
CA PRO A 47 -12.92 1.75 -20.67
C PRO A 47 -13.90 0.57 -20.77
N VAL A 48 -14.12 0.10 -21.99
CA VAL A 48 -15.02 -1.04 -22.23
C VAL A 48 -16.39 -0.80 -21.60
N ARG A 49 -17.42 -0.66 -22.45
CA ARG A 49 -18.79 -0.44 -21.97
C ARG A 49 -19.78 -1.35 -22.70
N PHE A 50 -19.66 -2.65 -22.47
CA PHE A 50 -20.55 -3.64 -23.09
C PHE A 50 -21.05 -4.63 -22.03
N GLY A 51 -21.71 -4.10 -21.01
CA GLY A 51 -22.23 -4.94 -19.93
C GLY A 51 -23.47 -5.72 -20.38
N ASP A 52 -24.36 -5.99 -19.44
CA ASP A 52 -25.58 -6.74 -19.74
C ASP A 52 -26.68 -5.84 -20.27
N TRP A 53 -26.55 -5.46 -21.55
CA TRP A 53 -27.55 -4.61 -22.21
C TRP A 53 -28.08 -3.55 -21.25
N GLU A 54 -27.32 -2.46 -21.07
CA GLU A 54 -27.74 -1.39 -20.18
C GLU A 54 -27.12 -0.05 -20.57
N LYS A 55 -27.95 0.98 -20.56
CA LYS A 55 -27.51 2.34 -20.91
C LYS A 55 -26.77 2.38 -22.26
N LYS A 56 -27.53 2.30 -23.35
CA LYS A 56 -26.94 2.34 -24.70
C LYS A 56 -27.76 3.23 -25.63
N GLY A 57 -27.09 4.20 -26.25
CA GLY A 57 -27.76 5.13 -27.17
C GLY A 57 -27.77 4.58 -28.58
N ILE A 58 -28.28 5.37 -29.53
CA ILE A 58 -28.35 4.96 -30.93
C ILE A 58 -27.27 5.66 -31.75
N ALA A 59 -26.56 4.87 -32.54
CA ALA A 59 -25.49 5.40 -33.39
C ALA A 59 -24.55 6.31 -32.59
N ILE A 60 -24.56 6.16 -31.27
CA ILE A 60 -23.71 6.97 -30.40
C ILE A 60 -23.90 8.47 -30.67
N ASP A 61 -24.80 8.79 -31.59
CA ASP A 61 -25.09 10.19 -31.95
C ASP A 61 -25.70 10.94 -30.77
N PHE A 62 -25.24 12.18 -30.56
CA PHE A 62 -25.74 13.01 -29.46
C PHE A 62 -27.13 13.56 -29.79
N MET A 1 -6.16 -5.20 21.40
CA MET A 1 -6.02 -5.84 22.74
C MET A 1 -5.50 -4.82 23.75
N ARG A 2 -5.65 -3.53 23.44
CA ARG A 2 -5.20 -2.48 24.34
C ARG A 2 -5.97 -2.57 25.65
N ASP A 3 -7.28 -2.80 25.54
CA ASP A 3 -8.13 -2.91 26.71
C ASP A 3 -7.89 -1.77 27.68
N MET A 4 -7.39 -2.11 28.87
CA MET A 4 -7.12 -1.11 29.91
C MET A 4 -8.18 -0.02 29.92
N THR A 5 -9.44 -0.42 29.85
CA THR A 5 -10.55 0.53 29.85
C THR A 5 -10.48 1.40 28.58
N GLU A 6 -9.61 2.40 28.59
CA GLU A 6 -9.45 3.31 27.45
C GLU A 6 -10.79 3.59 26.77
N GLU A 7 -11.83 3.80 27.57
CA GLU A 7 -13.15 4.09 27.03
C GLU A 7 -13.18 5.48 26.40
N THR A 8 -13.58 5.54 25.14
CA THR A 8 -13.66 6.81 24.42
C THR A 8 -14.87 6.81 23.49
N ARG A 9 -15.10 7.94 22.85
CA ARG A 9 -16.22 8.05 21.92
C ARG A 9 -16.06 7.01 20.81
N LYS A 10 -14.80 6.61 20.55
CA LYS A 10 -14.52 5.63 19.51
C LYS A 10 -15.05 6.12 18.17
N ASP A 11 -14.22 6.89 17.48
CA ASP A 11 -14.58 7.46 16.19
C ASP A 11 -14.39 6.43 15.06
N LEU A 12 -14.52 6.91 13.82
CA LEU A 12 -14.38 6.05 12.64
C LEU A 12 -13.12 5.18 12.76
N PRO A 13 -13.13 3.98 12.22
CA PRO A 13 -11.93 3.06 12.30
C PRO A 13 -10.71 3.65 11.56
N PRO A 14 -9.54 3.68 12.18
CA PRO A 14 -8.32 4.23 11.52
C PRO A 14 -7.71 3.23 10.52
N GLU A 15 -8.39 2.10 10.34
CA GLU A 15 -7.93 1.08 9.41
C GLU A 15 -7.80 1.67 8.01
N ALA A 16 -8.72 2.58 7.68
CA ALA A 16 -8.70 3.20 6.37
C ALA A 16 -7.36 3.89 6.12
N LEU A 17 -6.92 4.67 7.10
CA LEU A 17 -5.65 5.39 6.99
C LEU A 17 -4.51 4.38 6.91
N ARG A 18 -4.59 3.35 7.74
CA ARG A 18 -3.57 2.31 7.75
C ARG A 18 -3.60 1.57 6.42
N ALA A 19 -4.79 1.42 5.87
CA ALA A 19 -4.94 0.73 4.59
C ALA A 19 -4.14 1.47 3.53
N LEU A 20 -4.19 2.79 3.59
CA LEU A 20 -3.45 3.61 2.63
C LEU A 20 -1.94 3.39 2.80
N ALA A 21 -1.52 3.28 4.06
CA ALA A 21 -0.11 3.05 4.36
C ALA A 21 0.34 1.70 3.82
N GLU A 22 -0.53 0.71 3.95
CA GLU A 22 -0.20 -0.62 3.45
C GLU A 22 -0.14 -0.61 1.93
N ALA A 23 -0.96 0.23 1.33
CA ALA A 23 -0.99 0.35 -0.12
C ALA A 23 0.38 0.80 -0.63
N GLU A 24 1.02 1.67 0.16
CA GLU A 24 2.33 2.18 -0.21
C GLU A 24 3.37 1.06 -0.15
N GLU A 25 3.29 0.26 0.92
CA GLU A 25 4.21 -0.85 1.08
C GLU A 25 3.92 -1.93 0.03
N ARG A 26 2.64 -2.06 -0.31
CA ARG A 26 2.22 -3.06 -1.31
C ARG A 26 3.02 -4.35 -1.20
N ARG A 27 2.96 -5.16 -2.26
CA ARG A 27 3.68 -6.44 -2.27
C ARG A 27 4.97 -6.32 -3.08
N ARG A 28 6.05 -5.99 -2.40
CA ARG A 28 7.34 -5.85 -3.07
C ARG A 28 7.84 -7.19 -3.59
N ARG A 29 7.56 -8.26 -2.85
CA ARG A 29 7.99 -9.60 -3.24
C ARG A 29 7.37 -9.99 -4.58
N ALA A 30 6.25 -9.37 -4.91
CA ALA A 30 5.55 -9.66 -6.15
C ALA A 30 6.42 -9.29 -7.35
N LYS A 31 7.18 -8.21 -7.20
CA LYS A 31 8.05 -7.75 -8.28
C LYS A 31 9.05 -8.84 -8.66
N ALA A 32 9.60 -9.51 -7.66
CA ALA A 32 10.58 -10.57 -7.90
C ALA A 32 9.87 -11.89 -8.19
N LEU A 33 8.55 -11.85 -8.31
CA LEU A 33 7.75 -13.04 -8.58
C LEU A 33 6.56 -12.69 -9.45
N ASP A 34 6.78 -12.61 -10.76
CA ASP A 34 5.72 -12.27 -11.70
C ASP A 34 5.05 -13.53 -12.24
N LEU A 35 5.47 -14.69 -11.74
CA LEU A 35 4.92 -15.98 -12.19
C LEU A 35 4.41 -16.81 -11.01
N PRO A 36 3.44 -16.29 -10.29
CA PRO A 36 2.85 -17.00 -9.11
C PRO A 36 2.07 -18.26 -9.51
N LYS A 37 1.74 -18.37 -10.79
CA LYS A 37 1.00 -19.53 -11.28
C LYS A 37 1.85 -20.80 -11.22
N GLU A 38 1.21 -21.93 -10.93
CA GLU A 38 1.92 -23.22 -10.84
C GLU A 38 1.36 -24.20 -11.88
N ILE A 39 1.17 -23.71 -13.10
CA ILE A 39 0.64 -24.56 -14.16
C ILE A 39 -0.69 -25.20 -13.74
N GLY A 40 -0.61 -26.30 -12.99
CA GLY A 40 -1.80 -26.99 -12.53
C GLY A 40 -2.41 -27.85 -13.63
N GLY A 41 -3.58 -28.42 -13.35
CA GLY A 41 -4.27 -29.27 -14.33
C GLY A 41 -5.12 -30.34 -13.64
N ARG A 42 -5.77 -29.96 -12.54
CA ARG A 42 -6.63 -30.87 -11.79
C ARG A 42 -6.03 -32.27 -11.71
N ASN A 43 -5.42 -32.59 -10.57
CA ASN A 43 -4.82 -33.90 -10.38
C ASN A 43 -5.89 -35.00 -10.35
N GLY A 44 -5.79 -35.94 -11.29
CA GLY A 44 -6.76 -37.03 -11.37
C GLY A 44 -6.31 -38.22 -10.52
N PRO A 45 -6.88 -39.38 -10.77
CA PRO A 45 -6.53 -40.62 -10.01
C PRO A 45 -5.02 -40.83 -9.90
N GLU A 46 -4.62 -41.81 -9.07
CA GLU A 46 -3.20 -42.11 -8.85
C GLU A 46 -2.87 -43.53 -9.33
N PRO A 47 -2.58 -43.70 -10.59
CA PRO A 47 -2.22 -45.04 -11.16
C PRO A 47 -1.10 -45.74 -10.39
N VAL A 48 -0.44 -46.69 -11.04
CA VAL A 48 0.64 -47.44 -10.41
C VAL A 48 1.72 -46.50 -9.86
N ARG A 49 2.12 -46.73 -8.61
CA ARG A 49 3.15 -45.90 -7.97
C ARG A 49 4.15 -46.76 -7.21
N PHE A 50 4.09 -48.07 -7.41
CA PHE A 50 4.99 -49.01 -6.73
C PHE A 50 6.10 -49.47 -7.68
N GLY A 51 7.35 -49.36 -7.24
CA GLY A 51 8.48 -49.78 -8.05
C GLY A 51 9.62 -50.31 -7.18
N ASP A 52 9.87 -51.61 -7.27
CA ASP A 52 10.92 -52.25 -6.48
C ASP A 52 12.28 -52.09 -7.15
N TRP A 53 13.34 -52.39 -6.40
CA TRP A 53 14.69 -52.27 -6.93
C TRP A 53 14.97 -53.37 -7.97
N GLU A 54 16.10 -53.24 -8.64
CA GLU A 54 16.49 -54.21 -9.66
C GLU A 54 16.78 -55.57 -9.02
N LYS A 55 18.07 -55.92 -8.97
CA LYS A 55 18.48 -57.20 -8.39
C LYS A 55 17.65 -58.36 -8.94
N LYS A 56 17.12 -58.21 -10.14
CA LYS A 56 16.31 -59.26 -10.77
C LYS A 56 16.62 -59.36 -12.26
N GLY A 57 16.36 -60.53 -12.83
CA GLY A 57 16.61 -60.75 -14.27
C GLY A 57 17.97 -61.40 -14.47
N ILE A 58 18.63 -61.04 -15.57
CA ILE A 58 19.94 -61.60 -15.90
C ILE A 58 19.88 -63.12 -15.98
N ALA A 59 18.70 -63.68 -15.70
CA ALA A 59 18.51 -65.14 -15.76
C ALA A 59 17.07 -65.49 -16.10
N ILE A 60 16.29 -64.47 -16.47
CA ILE A 60 14.88 -64.66 -16.84
C ILE A 60 14.24 -65.79 -16.03
N ASP A 61 14.37 -65.70 -14.70
CA ASP A 61 13.82 -66.71 -13.82
C ASP A 61 12.29 -66.73 -13.91
N PHE A 62 11.73 -67.93 -13.83
CA PHE A 62 10.28 -68.09 -13.90
C PHE A 62 9.88 -69.54 -13.61
N MET A 1 0.00 -8.54 34.77
CA MET A 1 -0.17 -7.59 33.64
C MET A 1 -1.01 -6.41 34.12
N ARG A 2 -0.40 -5.21 34.16
CA ARG A 2 -1.13 -4.02 34.62
C ARG A 2 -1.70 -3.29 33.41
N ASP A 3 -2.95 -2.85 33.55
CA ASP A 3 -3.64 -2.16 32.47
C ASP A 3 -3.25 -0.67 32.44
N MET A 4 -3.32 -0.07 31.24
CA MET A 4 -2.97 1.35 31.07
C MET A 4 -3.51 1.89 29.75
N THR A 5 -3.54 1.03 28.73
CA THR A 5 -4.06 1.43 27.41
C THR A 5 -5.02 0.38 26.87
N GLU A 6 -5.84 0.79 25.91
CA GLU A 6 -6.82 -0.11 25.32
C GLU A 6 -7.32 0.43 23.97
N GLU A 7 -7.94 -0.43 23.17
CA GLU A 7 -8.43 -0.03 21.86
C GLU A 7 -9.84 0.54 21.96
N THR A 8 -9.98 1.83 21.67
CA THR A 8 -11.30 2.49 21.74
C THR A 8 -11.63 3.13 20.40
N ARG A 9 -12.82 2.85 19.87
CA ARG A 9 -13.24 3.42 18.60
C ARG A 9 -13.88 4.78 18.85
N LYS A 10 -13.07 5.71 19.36
CA LYS A 10 -13.55 7.04 19.67
C LYS A 10 -14.00 7.74 18.39
N ASP A 11 -13.23 7.55 17.31
CA ASP A 11 -13.55 8.17 16.03
C ASP A 11 -13.92 7.13 14.97
N LEU A 12 -14.18 7.61 13.76
CA LEU A 12 -14.57 6.75 12.64
C LEU A 12 -13.45 5.73 12.35
N PRO A 13 -13.79 4.54 11.91
CA PRO A 13 -12.78 3.50 11.60
C PRO A 13 -11.52 4.08 10.93
N PRO A 14 -10.45 4.24 11.66
CA PRO A 14 -9.18 4.80 11.11
C PRO A 14 -8.36 3.75 10.39
N GLU A 15 -8.88 2.52 10.35
CA GLU A 15 -8.20 1.42 9.69
C GLU A 15 -7.92 1.78 8.24
N ALA A 16 -8.79 2.63 7.68
CA ALA A 16 -8.64 3.07 6.30
C ALA A 16 -7.30 3.79 6.11
N LEU A 17 -6.92 4.58 7.10
CA LEU A 17 -5.66 5.31 7.04
C LEU A 17 -4.50 4.33 7.00
N ARG A 18 -4.58 3.29 7.83
CA ARG A 18 -3.54 2.28 7.86
C ARG A 18 -3.53 1.51 6.55
N ALA A 19 -4.72 1.25 6.01
CA ALA A 19 -4.84 0.53 4.74
C ALA A 19 -4.15 1.32 3.65
N LEU A 20 -4.28 2.64 3.71
CA LEU A 20 -3.65 3.52 2.73
C LEU A 20 -2.13 3.36 2.80
N ALA A 21 -1.62 3.29 4.03
CA ALA A 21 -0.18 3.13 4.23
C ALA A 21 0.30 1.78 3.69
N GLU A 22 -0.55 0.76 3.80
CA GLU A 22 -0.19 -0.57 3.29
C GLU A 22 -0.07 -0.51 1.77
N ALA A 23 -0.89 0.35 1.15
CA ALA A 23 -0.86 0.51 -0.29
C ALA A 23 0.54 0.94 -0.74
N GLU A 24 1.21 1.71 0.12
CA GLU A 24 2.56 2.18 -0.17
C GLU A 24 3.55 1.03 -0.12
N GLU A 25 3.38 0.14 0.86
CA GLU A 25 4.25 -1.02 1.00
C GLU A 25 4.02 -1.99 -0.15
N ARG A 26 2.77 -2.10 -0.58
CA ARG A 26 2.39 -3.01 -1.65
C ARG A 26 3.37 -2.95 -2.82
N ARG A 27 3.92 -4.11 -3.18
CA ARG A 27 4.86 -4.20 -4.30
C ARG A 27 4.91 -5.62 -4.85
N ARG A 28 3.73 -6.18 -5.13
CA ARG A 28 3.64 -7.53 -5.67
C ARG A 28 4.17 -7.60 -7.10
N ARG A 29 4.23 -6.44 -7.76
CA ARG A 29 4.71 -6.36 -9.13
C ARG A 29 6.21 -6.69 -9.20
N ALA A 30 6.89 -6.53 -8.06
CA ALA A 30 8.32 -6.81 -7.98
C ALA A 30 8.56 -8.28 -7.60
N LYS A 31 7.58 -8.90 -6.96
CA LYS A 31 7.70 -10.30 -6.57
C LYS A 31 7.86 -11.19 -7.81
N ALA A 32 7.05 -10.94 -8.82
CA ALA A 32 7.10 -11.72 -10.06
C ALA A 32 8.18 -11.16 -10.99
N LEU A 33 9.03 -10.27 -10.46
CA LEU A 33 10.10 -9.69 -11.26
C LEU A 33 11.24 -9.23 -10.35
N ASP A 34 12.33 -10.00 -10.36
CA ASP A 34 13.50 -9.67 -9.55
C ASP A 34 14.22 -8.43 -10.10
N LEU A 35 14.71 -7.60 -9.19
CA LEU A 35 15.41 -6.37 -9.56
C LEU A 35 16.38 -6.62 -10.73
N PRO A 36 16.65 -5.60 -11.51
CA PRO A 36 17.58 -5.71 -12.68
C PRO A 36 19.03 -6.00 -12.25
N LYS A 37 19.35 -5.71 -11.00
CA LYS A 37 20.71 -5.93 -10.49
C LYS A 37 20.98 -7.42 -10.29
N GLU A 38 22.12 -7.75 -9.68
CA GLU A 38 22.47 -9.15 -9.45
C GLU A 38 23.15 -9.31 -8.09
N ILE A 39 23.84 -10.43 -7.88
CA ILE A 39 24.54 -10.68 -6.62
C ILE A 39 26.01 -10.28 -6.72
N GLY A 40 26.42 -9.91 -7.92
CA GLY A 40 27.81 -9.49 -8.16
C GLY A 40 28.79 -10.63 -7.91
N GLY A 41 29.89 -10.34 -7.21
CA GLY A 41 30.91 -11.35 -6.92
C GLY A 41 32.28 -10.93 -7.45
N ARG A 42 33.34 -11.42 -6.82
CA ARG A 42 34.71 -11.09 -7.22
C ARG A 42 35.13 -11.85 -8.48
N ASN A 43 34.43 -12.94 -8.79
CA ASN A 43 34.75 -13.75 -9.97
C ASN A 43 33.89 -13.33 -11.16
N GLY A 44 34.48 -13.37 -12.35
CA GLY A 44 33.77 -12.99 -13.57
C GLY A 44 34.74 -12.78 -14.73
N PRO A 45 35.49 -11.70 -14.69
CA PRO A 45 36.48 -11.37 -15.77
C PRO A 45 37.63 -12.38 -15.84
N GLU A 46 37.87 -13.08 -14.73
CA GLU A 46 38.93 -14.09 -14.66
C GLU A 46 40.14 -13.71 -15.52
N PRO A 47 40.80 -12.61 -15.21
CA PRO A 47 42.00 -12.15 -15.98
C PRO A 47 43.20 -13.07 -15.77
N VAL A 48 44.05 -13.18 -16.79
CA VAL A 48 45.23 -14.04 -16.73
C VAL A 48 46.32 -13.46 -15.81
N ARG A 49 47.28 -12.75 -16.41
CA ARG A 49 48.37 -12.14 -15.63
C ARG A 49 49.00 -13.17 -14.68
N PHE A 50 49.49 -14.27 -15.25
CA PHE A 50 50.14 -15.32 -14.46
C PHE A 50 51.66 -15.25 -14.64
N GLY A 51 52.12 -14.20 -15.32
CA GLY A 51 53.56 -14.02 -15.57
C GLY A 51 54.20 -13.16 -14.49
N ASP A 52 54.28 -13.71 -13.27
CA ASP A 52 54.86 -12.99 -12.13
C ASP A 52 56.38 -12.86 -12.26
N TRP A 53 56.91 -11.71 -11.84
CA TRP A 53 58.34 -11.45 -11.92
C TRP A 53 59.08 -12.17 -10.78
N GLU A 54 59.87 -13.19 -11.15
CA GLU A 54 60.61 -13.94 -10.15
C GLU A 54 61.60 -14.92 -10.81
N LYS A 55 62.18 -14.49 -11.93
CA LYS A 55 63.14 -15.31 -12.67
C LYS A 55 64.39 -15.65 -11.84
N LYS A 56 64.94 -14.64 -11.16
CA LYS A 56 66.14 -14.85 -10.33
C LYS A 56 67.13 -15.79 -11.04
N GLY A 57 68.08 -16.33 -10.28
CA GLY A 57 69.08 -17.24 -10.85
C GLY A 57 68.57 -18.68 -10.83
N ILE A 58 69.44 -19.60 -11.24
CA ILE A 58 69.07 -21.02 -11.28
C ILE A 58 68.77 -21.53 -9.87
N ALA A 59 69.62 -21.15 -8.91
CA ALA A 59 69.44 -21.58 -7.53
C ALA A 59 69.99 -20.51 -6.57
N ILE A 60 71.22 -20.06 -6.81
CA ILE A 60 71.82 -19.03 -5.95
C ILE A 60 72.90 -18.25 -6.70
N ASP A 61 73.68 -18.95 -7.52
CA ASP A 61 74.74 -18.31 -8.30
C ASP A 61 75.76 -17.60 -7.40
N PHE A 62 76.83 -17.08 -8.00
CA PHE A 62 77.87 -16.40 -7.24
C PHE A 62 78.85 -15.67 -8.16
N MET A 1 -20.65 -5.43 38.45
CA MET A 1 -19.66 -4.37 38.76
C MET A 1 -18.26 -4.96 38.75
N ARG A 2 -18.18 -6.28 38.70
CA ARG A 2 -16.88 -6.94 38.69
C ARG A 2 -16.22 -6.76 37.33
N ASP A 3 -14.96 -6.34 37.34
CA ASP A 3 -14.23 -6.10 36.10
C ASP A 3 -12.80 -6.66 36.20
N MET A 4 -12.70 -7.95 36.53
CA MET A 4 -11.40 -8.61 36.66
C MET A 4 -10.69 -8.68 35.31
N THR A 5 -11.44 -8.95 34.24
CA THR A 5 -10.86 -9.02 32.89
C THR A 5 -11.83 -8.46 31.87
N GLU A 6 -11.41 -7.42 31.16
CA GLU A 6 -12.26 -6.80 30.15
C GLU A 6 -11.42 -5.94 29.21
N GLU A 7 -11.44 -6.27 27.91
CA GLU A 7 -10.68 -5.52 26.92
C GLU A 7 -11.19 -5.80 25.51
N THR A 8 -12.46 -5.48 25.28
CA THR A 8 -13.06 -5.70 23.96
C THR A 8 -12.37 -4.84 22.91
N ARG A 9 -12.09 -3.58 23.25
CA ARG A 9 -11.44 -2.67 22.31
C ARG A 9 -12.34 -2.46 21.09
N LYS A 10 -12.54 -1.21 20.72
CA LYS A 10 -13.38 -0.89 19.57
C LYS A 10 -12.56 -0.88 18.29
N ASP A 11 -11.98 -2.03 17.98
CA ASP A 11 -11.16 -2.20 16.78
C ASP A 11 -10.30 -0.98 16.50
N LEU A 12 -9.89 -0.82 15.23
CA LEU A 12 -9.06 0.30 14.82
C LEU A 12 -9.87 1.24 13.92
N PRO A 13 -10.39 2.33 14.45
CA PRO A 13 -11.17 3.31 13.65
C PRO A 13 -10.41 3.81 12.42
N PRO A 14 -9.13 4.12 12.55
CA PRO A 14 -8.31 4.60 11.41
C PRO A 14 -7.76 3.45 10.57
N GLU A 15 -8.60 2.45 10.33
CA GLU A 15 -8.20 1.30 9.54
C GLU A 15 -7.94 1.72 8.10
N ALA A 16 -8.78 2.62 7.60
CA ALA A 16 -8.66 3.12 6.24
C ALA A 16 -7.32 3.84 6.07
N LEU A 17 -6.94 4.61 7.08
CA LEU A 17 -5.68 5.34 7.04
C LEU A 17 -4.52 4.36 6.98
N ARG A 18 -4.61 3.30 7.77
CA ARG A 18 -3.58 2.28 7.80
C ARG A 18 -3.56 1.55 6.46
N ALA A 19 -4.74 1.34 5.90
CA ALA A 19 -4.85 0.66 4.62
C ALA A 19 -4.05 1.43 3.57
N LEU A 20 -4.11 2.75 3.65
CA LEU A 20 -3.39 3.59 2.72
C LEU A 20 -1.89 3.33 2.85
N ALA A 21 -1.44 3.24 4.09
CA ALA A 21 -0.03 3.00 4.35
C ALA A 21 0.39 1.63 3.82
N GLU A 22 -0.49 0.65 3.96
CA GLU A 22 -0.20 -0.70 3.46
C GLU A 22 -0.13 -0.67 1.94
N ALA A 23 -0.96 0.16 1.33
CA ALA A 23 -0.98 0.29 -0.13
C ALA A 23 0.37 0.81 -0.62
N GLU A 24 0.96 1.70 0.16
CA GLU A 24 2.26 2.26 -0.19
C GLU A 24 3.34 1.18 -0.17
N GLU A 25 3.25 0.28 0.82
CA GLU A 25 4.21 -0.82 0.94
C GLU A 25 4.08 -1.77 -0.25
N ARG A 26 2.85 -1.92 -0.72
CA ARG A 26 2.54 -2.78 -1.86
C ARG A 26 2.70 -4.26 -1.50
N ARG A 27 2.04 -4.69 -0.42
CA ARG A 27 2.09 -6.10 0.01
C ARG A 27 0.70 -6.60 0.34
N ARG A 28 -0.32 -5.90 -0.16
CA ARG A 28 -1.71 -6.29 0.10
C ARG A 28 -2.03 -7.64 -0.54
N ARG A 29 -1.51 -7.86 -1.75
CA ARG A 29 -1.74 -9.12 -2.45
C ARG A 29 -1.12 -10.29 -1.70
N ALA A 30 0.06 -10.05 -1.13
CA ALA A 30 0.77 -11.09 -0.38
C ALA A 30 -0.03 -11.50 0.86
N LYS A 31 -0.61 -10.51 1.54
CA LYS A 31 -1.38 -10.78 2.74
C LYS A 31 -2.61 -11.64 2.40
N ALA A 32 -3.25 -11.31 1.28
CA ALA A 32 -4.43 -12.05 0.85
C ALA A 32 -4.07 -13.50 0.55
N LEU A 33 -2.79 -13.74 0.23
CA LEU A 33 -2.32 -15.10 -0.06
C LEU A 33 -0.95 -15.35 0.55
N ASP A 34 -0.95 -15.76 1.82
CA ASP A 34 0.28 -16.04 2.52
C ASP A 34 0.96 -17.29 1.96
N LEU A 35 0.17 -18.19 1.38
CA LEU A 35 0.70 -19.42 0.80
C LEU A 35 0.97 -20.47 1.88
N PRO A 36 -0.07 -21.07 2.41
CA PRO A 36 0.06 -22.13 3.47
C PRO A 36 0.86 -23.33 3.00
N LYS A 37 1.59 -23.95 3.92
CA LYS A 37 2.41 -25.12 3.58
C LYS A 37 1.56 -26.25 3.03
N GLU A 38 2.00 -26.84 1.91
CA GLU A 38 1.27 -27.94 1.28
C GLU A 38 2.22 -28.79 0.43
N ILE A 39 3.35 -28.22 0.04
CA ILE A 39 4.34 -28.94 -0.76
C ILE A 39 4.94 -30.09 0.04
N GLY A 40 5.23 -29.83 1.31
CA GLY A 40 5.84 -30.85 2.18
C GLY A 40 4.86 -31.99 2.46
N GLY A 41 5.41 -33.11 2.94
CA GLY A 41 4.59 -34.29 3.26
C GLY A 41 4.04 -34.96 2.00
N ARG A 42 4.94 -35.38 1.11
CA ARG A 42 4.54 -36.03 -0.14
C ARG A 42 4.04 -37.44 0.11
N ASN A 43 3.07 -37.87 -0.71
CA ASN A 43 2.48 -39.21 -0.59
C ASN A 43 3.11 -40.17 -1.60
N GLY A 44 3.31 -41.42 -1.18
CA GLY A 44 3.90 -42.44 -2.05
C GLY A 44 3.64 -43.84 -1.51
N PRO A 45 2.38 -44.18 -1.34
CA PRO A 45 1.97 -45.52 -0.81
C PRO A 45 2.13 -46.64 -1.85
N GLU A 46 2.29 -47.86 -1.36
CA GLU A 46 2.47 -49.02 -2.22
C GLU A 46 1.36 -49.10 -3.29
N PRO A 47 1.65 -49.67 -4.44
CA PRO A 47 0.64 -49.81 -5.55
C PRO A 47 -0.49 -50.79 -5.18
N VAL A 48 -1.67 -50.56 -5.75
CA VAL A 48 -2.82 -51.41 -5.47
C VAL A 48 -2.79 -52.70 -6.31
N ARG A 49 -1.63 -53.36 -6.34
CA ARG A 49 -1.48 -54.61 -7.10
C ARG A 49 -1.84 -54.42 -8.57
N PHE A 50 -3.14 -54.29 -8.85
CA PHE A 50 -3.60 -54.11 -10.23
C PHE A 50 -3.05 -52.79 -10.80
N GLY A 51 -3.08 -51.74 -9.99
CA GLY A 51 -2.58 -50.44 -10.42
C GLY A 51 -3.59 -49.73 -11.32
N ASP A 52 -3.09 -48.78 -12.12
CA ASP A 52 -3.95 -48.01 -13.03
C ASP A 52 -4.20 -48.77 -14.32
N TRP A 53 -5.09 -48.22 -15.16
CA TRP A 53 -5.44 -48.85 -16.44
C TRP A 53 -4.70 -48.16 -17.59
N GLU A 54 -4.32 -48.95 -18.60
CA GLU A 54 -3.60 -48.41 -19.76
C GLU A 54 -4.10 -49.03 -21.07
N LYS A 55 -5.41 -49.26 -21.14
CA LYS A 55 -6.03 -49.87 -22.32
C LYS A 55 -5.87 -48.96 -23.56
N LYS A 56 -6.06 -47.66 -23.39
CA LYS A 56 -5.94 -46.73 -24.52
C LYS A 56 -4.50 -46.63 -24.99
N GLY A 57 -4.31 -46.50 -26.31
CA GLY A 57 -2.97 -46.39 -26.89
C GLY A 57 -2.88 -45.21 -27.85
N ILE A 58 -2.06 -45.37 -28.89
CA ILE A 58 -1.88 -44.30 -29.87
C ILE A 58 -3.17 -44.06 -30.65
N ALA A 59 -3.84 -45.15 -31.01
CA ALA A 59 -5.09 -45.07 -31.77
C ALA A 59 -6.14 -46.01 -31.19
N ILE A 60 -6.04 -46.27 -29.88
CA ILE A 60 -6.99 -47.15 -29.20
C ILE A 60 -7.02 -48.54 -29.85
N ASP A 61 -6.26 -48.70 -30.94
CA ASP A 61 -6.20 -49.99 -31.63
C ASP A 61 -5.15 -49.95 -32.75
N PHE A 62 -5.59 -50.07 -34.00
CA PHE A 62 -4.68 -50.06 -35.15
C PHE A 62 -5.27 -49.29 -36.32
N MET A 1 -25.32 7.63 -13.83
CA MET A 1 -26.51 7.45 -12.95
C MET A 1 -26.09 6.68 -11.70
N ARG A 2 -25.42 5.56 -11.89
CA ARG A 2 -24.94 4.77 -10.75
C ARG A 2 -23.91 5.57 -9.97
N ASP A 3 -23.09 6.31 -10.70
CA ASP A 3 -22.04 7.13 -10.10
C ASP A 3 -22.58 8.52 -9.74
N MET A 4 -22.86 8.73 -8.45
CA MET A 4 -23.38 10.01 -7.96
C MET A 4 -22.90 10.27 -6.53
N THR A 5 -22.31 11.45 -6.31
CA THR A 5 -21.80 11.80 -4.99
C THR A 5 -21.05 10.62 -4.36
N GLU A 6 -19.74 10.58 -4.58
CA GLU A 6 -18.91 9.49 -4.05
C GLU A 6 -17.64 10.04 -3.38
N GLU A 7 -17.58 11.37 -3.21
CA GLU A 7 -16.42 12.00 -2.57
C GLU A 7 -16.88 13.10 -1.61
N THR A 8 -16.32 13.08 -0.40
CA THR A 8 -16.66 14.08 0.62
C THR A 8 -15.40 14.69 1.21
N ARG A 9 -15.36 16.02 1.28
CA ARG A 9 -14.19 16.71 1.83
C ARG A 9 -14.04 16.40 3.31
N LYS A 10 -14.62 17.25 4.15
CA LYS A 10 -14.55 17.06 5.59
C LYS A 10 -15.14 15.70 5.95
N ASP A 11 -14.26 14.74 6.22
CA ASP A 11 -14.69 13.38 6.56
C ASP A 11 -13.68 12.71 7.48
N LEU A 12 -14.17 11.81 8.33
CA LEU A 12 -13.31 11.08 9.26
C LEU A 12 -13.20 9.60 8.83
N PRO A 13 -12.13 9.21 8.17
CA PRO A 13 -11.96 7.81 7.71
C PRO A 13 -11.55 6.87 8.86
N PRO A 14 -12.03 5.64 8.86
CA PRO A 14 -11.67 4.66 9.94
C PRO A 14 -10.25 4.12 9.79
N GLU A 15 -9.99 2.98 10.42
CA GLU A 15 -8.66 2.36 10.37
C GLU A 15 -8.20 2.26 8.91
N ALA A 16 -9.15 2.38 8.00
CA ALA A 16 -8.86 2.32 6.58
C ALA A 16 -7.81 3.36 6.22
N LEU A 17 -7.71 4.41 7.04
CA LEU A 17 -6.75 5.46 6.81
C LEU A 17 -5.34 4.89 6.86
N ARG A 18 -5.13 3.93 7.77
CA ARG A 18 -3.83 3.29 7.92
C ARG A 18 -3.62 2.27 6.81
N ALA A 19 -4.72 1.68 6.35
CA ALA A 19 -4.64 0.69 5.29
C ALA A 19 -3.83 1.27 4.13
N LEU A 20 -3.78 2.59 4.08
CA LEU A 20 -3.04 3.28 3.03
C LEU A 20 -1.57 2.90 3.11
N ALA A 21 -1.13 2.50 4.30
CA ALA A 21 0.26 2.10 4.52
C ALA A 21 0.59 0.88 3.67
N GLU A 22 -0.39 -0.01 3.50
CA GLU A 22 -0.17 -1.20 2.69
C GLU A 22 0.05 -0.80 1.24
N ALA A 23 -0.60 0.28 0.82
CA ALA A 23 -0.46 0.78 -0.54
C ALA A 23 0.97 1.25 -0.77
N GLU A 24 1.57 1.83 0.26
CA GLU A 24 2.94 2.32 0.18
C GLU A 24 3.88 1.19 -0.24
N GLU A 25 3.57 -0.02 0.22
CA GLU A 25 4.40 -1.18 -0.13
C GLU A 25 4.36 -1.43 -1.62
N ARG A 26 3.17 -1.29 -2.20
CA ARG A 26 2.98 -1.51 -3.64
C ARG A 26 3.07 -0.19 -4.42
N ARG A 27 3.76 -0.23 -5.56
CA ARG A 27 3.93 0.95 -6.41
C ARG A 27 4.63 2.06 -5.65
N ARG A 28 5.87 1.79 -5.25
CA ARG A 28 6.67 2.76 -4.52
C ARG A 28 6.90 4.04 -5.34
N ARG A 29 6.94 3.87 -6.65
CA ARG A 29 7.15 5.00 -7.55
C ARG A 29 6.04 6.03 -7.38
N ALA A 30 4.95 5.61 -6.73
CA ALA A 30 3.81 6.51 -6.52
C ALA A 30 4.23 7.78 -5.79
N LYS A 31 5.11 7.63 -4.82
CA LYS A 31 5.59 8.78 -4.06
C LYS A 31 6.70 9.51 -4.83
N ALA A 32 7.08 8.96 -5.98
CA ALA A 32 8.12 9.56 -6.82
C ALA A 32 7.58 9.80 -8.23
N LEU A 33 7.63 8.77 -9.07
CA LEU A 33 7.12 8.86 -10.44
C LEU A 33 8.21 9.40 -11.35
N ASP A 34 9.03 10.29 -10.81
CA ASP A 34 10.10 10.86 -11.59
C ASP A 34 11.01 11.72 -10.71
N LEU A 35 12.06 11.12 -10.17
CA LEU A 35 12.99 11.85 -9.32
C LEU A 35 13.96 12.71 -10.13
N PRO A 36 14.44 12.23 -11.26
CA PRO A 36 15.40 12.99 -12.11
C PRO A 36 14.90 14.38 -12.47
N LYS A 37 13.61 14.47 -12.81
CA LYS A 37 12.99 15.75 -13.18
C LYS A 37 13.96 16.64 -13.95
N GLU A 38 14.20 16.33 -15.23
CA GLU A 38 15.10 17.13 -16.05
C GLU A 38 14.68 17.06 -17.53
N ILE A 39 14.46 15.84 -18.02
CA ILE A 39 14.05 15.66 -19.42
C ILE A 39 12.65 16.24 -19.64
N GLY A 40 11.74 16.00 -18.69
CA GLY A 40 10.38 16.52 -18.77
C GLY A 40 9.52 15.67 -19.72
N GLY A 41 8.40 16.24 -20.16
CA GLY A 41 7.49 15.53 -21.06
C GLY A 41 6.41 16.47 -21.61
N ARG A 42 5.39 15.88 -22.23
CA ARG A 42 4.31 16.66 -22.81
C ARG A 42 3.35 17.18 -21.72
N ASN A 43 2.87 18.41 -21.92
CA ASN A 43 1.94 19.03 -20.98
C ASN A 43 2.56 19.08 -19.58
N GLY A 44 3.86 19.30 -19.52
CA GLY A 44 4.56 19.38 -18.24
C GLY A 44 4.28 20.70 -17.54
N PRO A 45 4.85 20.90 -16.37
CA PRO A 45 4.66 22.15 -15.57
C PRO A 45 4.74 23.41 -16.44
N GLU A 46 3.61 23.75 -17.06
CA GLU A 46 3.54 24.94 -17.92
C GLU A 46 2.90 26.12 -17.18
N PRO A 47 1.90 25.88 -16.33
CA PRO A 47 1.22 26.98 -15.59
C PRO A 47 2.01 27.44 -14.37
N VAL A 48 2.66 26.49 -13.69
CA VAL A 48 3.47 26.78 -12.50
C VAL A 48 2.89 27.96 -11.71
N ARG A 49 2.00 27.65 -10.75
CA ARG A 49 1.38 28.68 -9.93
C ARG A 49 2.27 29.03 -8.73
N PHE A 50 3.54 28.65 -8.82
CA PHE A 50 4.50 28.92 -7.75
C PHE A 50 3.88 28.61 -6.39
N GLY A 51 3.96 27.34 -5.97
CA GLY A 51 3.41 26.91 -4.70
C GLY A 51 4.35 27.27 -3.55
N ASP A 52 3.91 26.95 -2.33
CA ASP A 52 4.70 27.24 -1.13
C ASP A 52 5.59 26.05 -0.76
N TRP A 53 6.91 26.25 -0.87
CA TRP A 53 7.88 25.19 -0.55
C TRP A 53 9.04 25.76 0.29
N GLU A 54 9.29 25.14 1.44
CA GLU A 54 10.37 25.59 2.31
C GLU A 54 10.70 24.54 3.38
N LYS A 55 11.38 23.48 2.97
CA LYS A 55 11.79 22.41 3.88
C LYS A 55 10.60 21.88 4.69
N LYS A 56 9.83 20.98 4.10
CA LYS A 56 8.66 20.40 4.78
C LYS A 56 9.12 19.38 5.82
N GLY A 57 8.39 19.32 6.93
CA GLY A 57 8.72 18.38 8.00
C GLY A 57 7.94 18.71 9.27
N ILE A 58 8.33 18.09 10.38
CA ILE A 58 7.67 18.33 11.65
C ILE A 58 8.10 19.67 12.26
N ALA A 59 9.32 20.09 11.90
CA ALA A 59 9.86 21.34 12.42
C ALA A 59 9.23 22.56 11.74
N ILE A 60 8.07 22.35 11.13
CA ILE A 60 7.38 23.44 10.43
C ILE A 60 6.60 24.32 11.42
N ASP A 61 6.43 23.81 12.64
CA ASP A 61 5.70 24.54 13.68
C ASP A 61 6.39 25.85 14.03
N PHE A 62 7.73 25.82 14.10
CA PHE A 62 8.50 27.02 14.44
C PHE A 62 8.29 28.11 13.40
N MET A 1 -17.77 24.35 14.48
CA MET A 1 -16.73 24.98 15.32
C MET A 1 -15.39 24.87 14.59
N ARG A 2 -14.54 25.89 14.72
CA ARG A 2 -13.24 25.89 14.06
C ARG A 2 -12.20 26.56 14.94
N ASP A 3 -11.01 25.98 14.98
CA ASP A 3 -9.92 26.51 15.80
C ASP A 3 -8.97 27.39 14.97
N MET A 4 -9.04 28.71 15.19
CA MET A 4 -8.20 29.66 14.47
C MET A 4 -6.89 29.91 15.21
N THR A 5 -6.98 30.44 16.43
CA THR A 5 -5.78 30.71 17.22
C THR A 5 -5.12 29.41 17.68
N GLU A 6 -5.97 28.43 18.01
CA GLU A 6 -5.50 27.13 18.47
C GLU A 6 -5.23 26.20 17.29
N GLU A 7 -4.34 25.22 17.49
CA GLU A 7 -3.99 24.27 16.43
C GLU A 7 -5.18 23.35 16.13
N THR A 8 -5.29 22.92 14.87
CA THR A 8 -6.38 22.04 14.47
C THR A 8 -6.27 20.71 15.21
N ARG A 9 -7.39 20.22 15.72
CA ARG A 9 -7.41 18.95 16.43
C ARG A 9 -7.36 17.80 15.44
N LYS A 10 -7.19 16.58 15.95
CA LYS A 10 -7.14 15.39 15.10
C LYS A 10 -7.97 14.29 15.74
N ASP A 11 -8.78 13.63 14.92
CA ASP A 11 -9.67 12.58 15.39
C ASP A 11 -8.92 11.27 15.63
N LEU A 12 -9.60 10.15 15.38
CA LEU A 12 -9.01 8.83 15.58
C LEU A 12 -8.76 8.15 14.22
N PRO A 13 -7.55 8.19 13.71
CA PRO A 13 -7.22 7.57 12.41
C PRO A 13 -7.69 6.11 12.33
N PRO A 14 -8.70 5.82 11.54
CA PRO A 14 -9.24 4.44 11.40
C PRO A 14 -8.36 3.56 10.51
N GLU A 15 -8.70 2.28 10.46
CA GLU A 15 -7.95 1.33 9.65
C GLU A 15 -7.83 1.84 8.22
N ALA A 16 -8.85 2.54 7.75
CA ALA A 16 -8.87 3.08 6.40
C ALA A 16 -7.55 3.79 6.12
N LEU A 17 -7.12 4.63 7.04
CA LEU A 17 -5.87 5.36 6.89
C LEU A 17 -4.70 4.39 6.89
N ARG A 18 -4.78 3.40 7.78
CA ARG A 18 -3.74 2.41 7.87
C ARG A 18 -3.67 1.61 6.57
N ALA A 19 -4.84 1.35 5.98
CA ALA A 19 -4.90 0.62 4.73
C ALA A 19 -4.14 1.39 3.65
N LEU A 20 -4.31 2.70 3.65
CA LEU A 20 -3.63 3.55 2.69
C LEU A 20 -2.12 3.42 2.86
N ALA A 21 -1.70 3.36 4.12
CA ALA A 21 -0.28 3.22 4.42
C ALA A 21 0.26 1.89 3.91
N GLU A 22 -0.56 0.84 3.98
CA GLU A 22 -0.14 -0.46 3.51
C GLU A 22 0.05 -0.42 1.98
N ALA A 23 -0.75 0.40 1.31
CA ALA A 23 -0.66 0.53 -0.13
C ALA A 23 0.76 0.95 -0.53
N GLU A 24 1.45 1.59 0.42
CA GLU A 24 2.81 2.05 0.18
C GLU A 24 3.72 0.86 -0.12
N GLU A 25 3.43 -0.28 0.50
CA GLU A 25 4.22 -1.49 0.29
C GLU A 25 4.17 -1.89 -1.19
N ARG A 26 3.00 -1.74 -1.79
CA ARG A 26 2.80 -2.09 -3.20
C ARG A 26 2.94 -0.87 -4.10
N ARG A 27 4.01 -0.84 -4.90
CA ARG A 27 4.25 0.28 -5.81
C ARG A 27 3.11 0.39 -6.84
N ARG A 28 2.68 -0.74 -7.38
CA ARG A 28 1.63 -0.74 -8.38
C ARG A 28 0.35 -0.11 -7.82
N ARG A 29 0.01 -0.47 -6.60
CA ARG A 29 -1.20 0.07 -5.96
C ARG A 29 -1.11 1.58 -5.86
N ALA A 30 0.05 2.07 -5.42
CA ALA A 30 0.27 3.51 -5.27
C ALA A 30 0.41 4.19 -6.63
N LYS A 31 1.05 3.50 -7.56
CA LYS A 31 1.25 4.03 -8.91
C LYS A 31 -0.10 4.22 -9.61
N ALA A 32 -1.00 3.27 -9.39
CA ALA A 32 -2.32 3.34 -10.01
C ALA A 32 -3.09 4.57 -9.52
N LEU A 33 -2.91 4.91 -8.23
CA LEU A 33 -3.59 6.07 -7.65
C LEU A 33 -2.59 7.00 -6.99
N ASP A 34 -1.68 7.54 -7.79
CA ASP A 34 -0.66 8.43 -7.29
C ASP A 34 -1.26 9.70 -6.70
N LEU A 35 -2.23 10.29 -7.42
CA LEU A 35 -2.90 11.53 -6.99
C LEU A 35 -2.69 11.81 -5.49
N PRO A 36 -1.59 12.43 -5.14
CA PRO A 36 -1.25 12.73 -3.72
C PRO A 36 -2.02 13.94 -3.18
N LYS A 37 -2.72 14.63 -4.08
CA LYS A 37 -3.51 15.81 -3.69
C LYS A 37 -2.65 16.87 -3.00
N GLU A 38 -1.83 17.60 -3.75
CA GLU A 38 -0.97 18.63 -3.17
C GLU A 38 -0.85 19.81 -4.15
N ILE A 39 -0.36 20.94 -3.65
CA ILE A 39 -0.21 22.12 -4.49
C ILE A 39 0.77 21.86 -5.62
N GLY A 40 1.59 20.83 -5.45
CA GLY A 40 2.58 20.46 -6.46
C GLY A 40 1.94 20.10 -7.80
N GLY A 41 2.73 20.13 -8.86
CA GLY A 41 2.23 19.81 -10.20
C GLY A 41 3.26 20.14 -11.28
N ARG A 42 2.91 21.06 -12.18
CA ARG A 42 3.80 21.46 -13.28
C ARG A 42 4.02 22.97 -13.30
N ASN A 43 5.14 23.38 -13.91
CA ASN A 43 5.48 24.78 -14.01
C ASN A 43 5.57 25.43 -12.62
N GLY A 44 6.15 24.70 -11.67
CA GLY A 44 6.29 25.19 -10.30
C GLY A 44 7.71 24.98 -9.78
N PRO A 45 8.67 25.66 -10.35
CA PRO A 45 10.10 25.54 -9.95
C PRO A 45 10.43 26.38 -8.71
N GLU A 46 10.98 27.58 -8.93
CA GLU A 46 11.34 28.48 -7.84
C GLU A 46 12.55 27.97 -7.05
N PRO A 47 13.69 27.89 -7.67
CA PRO A 47 14.94 27.42 -6.99
C PRO A 47 15.48 28.43 -5.96
N VAL A 48 15.26 29.72 -6.22
CA VAL A 48 15.74 30.77 -5.31
C VAL A 48 14.57 31.42 -4.56
N ARG A 49 14.45 31.11 -3.27
CA ARG A 49 13.38 31.65 -2.44
C ARG A 49 13.51 33.18 -2.33
N PHE A 50 14.74 33.65 -2.14
CA PHE A 50 14.99 35.09 -2.01
C PHE A 50 14.20 35.67 -0.84
N GLY A 51 13.54 34.78 -0.08
CA GLY A 51 12.76 35.20 1.08
C GLY A 51 13.63 35.32 2.32
N ASP A 52 14.90 34.92 2.19
CA ASP A 52 15.85 34.98 3.30
C ASP A 52 15.22 34.49 4.61
N TRP A 53 14.78 35.43 5.45
CA TRP A 53 14.17 35.07 6.73
C TRP A 53 14.90 33.91 7.39
N GLU A 54 16.18 34.13 7.72
CA GLU A 54 16.99 33.10 8.36
C GLU A 54 16.49 32.81 9.77
N LYS A 55 16.07 33.85 10.48
CA LYS A 55 15.58 33.67 11.85
C LYS A 55 14.65 34.83 12.26
N LYS A 56 15.23 35.94 12.68
CA LYS A 56 14.45 37.11 13.10
C LYS A 56 13.34 36.69 14.06
N GLY A 57 13.63 36.73 15.36
CA GLY A 57 12.66 36.36 16.38
C GLY A 57 13.25 36.44 17.77
N ILE A 58 14.39 35.77 17.97
CA ILE A 58 15.06 35.77 19.27
C ILE A 58 16.10 36.88 19.33
N ALA A 59 16.35 37.53 18.18
CA ALA A 59 17.32 38.62 18.11
C ALA A 59 16.79 39.76 17.23
N ILE A 60 15.50 40.06 17.37
CA ILE A 60 14.87 41.12 16.58
C ILE A 60 15.78 42.35 16.47
N ASP A 61 16.65 42.33 15.46
CA ASP A 61 17.59 43.43 15.23
C ASP A 61 16.86 44.72 14.85
N PHE A 62 15.82 44.60 14.04
CA PHE A 62 15.05 45.78 13.61
C PHE A 62 13.76 45.92 14.42
N MET A 1 -8.28 16.34 -15.02
CA MET A 1 -8.74 16.58 -13.62
C MET A 1 -10.26 16.45 -13.56
N ARG A 2 -10.88 16.09 -14.68
CA ARG A 2 -12.33 15.94 -14.71
C ARG A 2 -12.74 14.85 -13.74
N ASP A 3 -11.99 13.76 -13.75
CA ASP A 3 -12.25 12.62 -12.87
C ASP A 3 -11.59 12.82 -11.51
N MET A 4 -11.81 11.87 -10.59
CA MET A 4 -11.23 11.95 -9.24
C MET A 4 -11.74 13.19 -8.49
N THR A 5 -12.66 13.93 -9.11
CA THR A 5 -13.23 15.13 -8.48
C THR A 5 -14.52 14.78 -7.76
N GLU A 6 -14.89 13.50 -7.82
CA GLU A 6 -16.12 13.04 -7.17
C GLU A 6 -15.99 13.07 -5.65
N GLU A 7 -17.02 13.60 -4.99
CA GLU A 7 -17.02 13.70 -3.52
C GLU A 7 -17.38 12.35 -2.90
N THR A 8 -16.66 11.99 -1.83
CA THR A 8 -16.92 10.72 -1.13
C THR A 8 -17.05 10.96 0.37
N ARG A 9 -18.12 10.43 0.95
CA ARG A 9 -18.35 10.59 2.38
C ARG A 9 -17.44 9.65 3.17
N LYS A 10 -17.16 10.00 4.43
CA LYS A 10 -16.29 9.17 5.27
C LYS A 10 -16.77 7.73 5.26
N ASP A 11 -15.82 6.81 5.06
CA ASP A 11 -16.13 5.39 4.98
C ASP A 11 -15.71 4.65 6.25
N LEU A 12 -15.18 3.44 6.08
CA LEU A 12 -14.76 2.63 7.22
C LEU A 12 -13.97 3.46 8.22
N PRO A 13 -13.94 3.06 9.47
CA PRO A 13 -13.18 3.80 10.53
C PRO A 13 -11.78 4.20 10.06
N PRO A 14 -10.98 4.77 10.94
CA PRO A 14 -9.59 5.21 10.59
C PRO A 14 -8.76 4.08 10.04
N GLU A 15 -9.27 2.85 10.16
CA GLU A 15 -8.56 1.68 9.66
C GLU A 15 -8.18 1.87 8.21
N ALA A 16 -8.89 2.77 7.53
CA ALA A 16 -8.63 3.07 6.14
C ALA A 16 -7.26 3.71 5.98
N LEU A 17 -6.88 4.55 6.94
CA LEU A 17 -5.58 5.21 6.89
C LEU A 17 -4.46 4.18 6.96
N ARG A 18 -4.64 3.20 7.84
CA ARG A 18 -3.65 2.14 7.96
C ARG A 18 -3.59 1.34 6.68
N ALA A 19 -4.75 1.13 6.07
CA ALA A 19 -4.81 0.40 4.81
C ALA A 19 -4.07 1.18 3.74
N LEU A 20 -4.34 2.48 3.69
CA LEU A 20 -3.69 3.35 2.72
C LEU A 20 -2.19 3.36 2.96
N ALA A 21 -1.81 3.37 4.24
CA ALA A 21 -0.40 3.37 4.60
C ALA A 21 0.29 2.10 4.11
N GLU A 22 -0.42 0.97 4.20
CA GLU A 22 0.13 -0.29 3.73
C GLU A 22 0.25 -0.28 2.21
N ALA A 23 -0.70 0.38 1.55
CA ALA A 23 -0.70 0.48 0.09
C ALA A 23 0.67 0.96 -0.38
N GLU A 24 1.42 1.58 0.53
CA GLU A 24 2.75 2.08 0.22
C GLU A 24 3.62 0.95 -0.31
N GLU A 25 3.39 -0.26 0.17
CA GLU A 25 4.16 -1.42 -0.26
C GLU A 25 3.97 -1.65 -1.76
N ARG A 26 2.75 -1.38 -2.22
CA ARG A 26 2.41 -1.56 -3.63
C ARG A 26 3.09 -0.52 -4.52
N ARG A 27 3.55 -0.96 -5.70
CA ARG A 27 4.22 -0.05 -6.63
C ARG A 27 3.45 1.27 -6.76
N ARG A 28 4.05 2.34 -6.23
CA ARG A 28 3.43 3.66 -6.28
C ARG A 28 3.32 4.16 -7.72
N ARG A 29 4.27 3.78 -8.56
CA ARG A 29 4.28 4.19 -9.96
C ARG A 29 3.02 3.69 -10.66
N ALA A 30 2.53 2.53 -10.25
CA ALA A 30 1.34 1.93 -10.84
C ALA A 30 0.11 2.81 -10.57
N LYS A 31 0.04 3.36 -9.37
CA LYS A 31 -1.08 4.21 -8.98
C LYS A 31 -0.90 5.61 -9.58
N ALA A 32 0.04 5.73 -10.52
CA ALA A 32 0.31 7.02 -11.16
C ALA A 32 0.33 8.13 -10.13
N LEU A 33 0.95 7.87 -8.97
CA LEU A 33 1.03 8.87 -7.91
C LEU A 33 2.26 8.62 -7.05
N ASP A 34 3.28 9.44 -7.24
CA ASP A 34 4.51 9.31 -6.48
C ASP A 34 4.34 9.85 -5.06
N LEU A 35 5.02 9.24 -4.09
CA LEU A 35 4.93 9.66 -2.68
C LEU A 35 6.32 9.83 -2.07
N PRO A 36 6.98 10.93 -2.36
CA PRO A 36 8.33 11.21 -1.81
C PRO A 36 8.38 11.14 -0.28
N LYS A 37 7.32 11.59 0.37
CA LYS A 37 7.26 11.59 1.83
C LYS A 37 6.98 10.17 2.36
N GLU A 38 7.60 9.83 3.49
CA GLU A 38 7.41 8.51 4.09
C GLU A 38 7.82 8.53 5.57
N ILE A 39 8.79 9.37 5.91
CA ILE A 39 9.25 9.47 7.29
C ILE A 39 8.26 10.31 8.12
N GLY A 40 7.43 11.08 7.43
CA GLY A 40 6.44 11.93 8.09
C GLY A 40 5.29 11.13 8.67
N GLY A 41 5.56 10.40 9.76
CA GLY A 41 4.54 9.59 10.41
C GLY A 41 3.44 10.45 11.04
N ARG A 42 3.83 11.63 11.53
CA ARG A 42 2.87 12.52 12.18
C ARG A 42 1.83 13.05 11.20
N ASN A 43 0.68 13.46 11.73
CA ASN A 43 -0.41 13.99 10.90
C ASN A 43 -1.21 15.05 11.66
N GLY A 44 -2.13 15.70 10.96
CA GLY A 44 -2.96 16.74 11.57
C GLY A 44 -4.32 16.85 10.87
N PRO A 45 -4.31 17.03 9.56
CA PRO A 45 -5.57 17.14 8.76
C PRO A 45 -6.47 15.90 8.90
N GLU A 46 -7.78 16.15 8.96
CA GLU A 46 -8.76 15.07 9.11
C GLU A 46 -9.22 14.56 7.73
N PRO A 47 -9.88 15.38 6.94
CA PRO A 47 -10.38 14.97 5.59
C PRO A 47 -9.23 14.56 4.66
N VAL A 48 -9.49 13.56 3.80
CA VAL A 48 -8.47 13.08 2.86
C VAL A 48 -8.99 13.15 1.42
N ARG A 49 -8.21 13.75 0.54
CA ARG A 49 -8.60 13.89 -0.86
C ARG A 49 -8.29 12.60 -1.64
N PHE A 50 -7.46 11.73 -1.05
CA PHE A 50 -7.11 10.47 -1.68
C PHE A 50 -7.75 9.31 -0.92
N GLY A 51 -8.63 8.58 -1.60
CA GLY A 51 -9.32 7.45 -0.98
C GLY A 51 -8.64 6.13 -1.32
N ASP A 52 -8.96 5.09 -0.54
CA ASP A 52 -8.36 3.76 -0.75
C ASP A 52 -9.25 2.88 -1.61
N TRP A 53 -10.38 3.42 -2.08
CA TRP A 53 -11.29 2.66 -2.93
C TRP A 53 -11.45 1.23 -2.44
N GLU A 54 -11.65 1.07 -1.13
CA GLU A 54 -11.82 -0.26 -0.54
C GLU A 54 -10.64 -1.17 -0.87
N LYS A 55 -10.64 -1.70 -2.09
CA LYS A 55 -9.56 -2.58 -2.55
C LYS A 55 -9.44 -3.84 -1.68
N LYS A 56 -10.38 -4.77 -1.85
CA LYS A 56 -10.38 -6.02 -1.08
C LYS A 56 -10.00 -5.76 0.38
N GLY A 57 -8.79 -6.19 0.77
CA GLY A 57 -8.32 -6.00 2.14
C GLY A 57 -8.41 -7.30 2.94
N ILE A 58 -9.57 -7.95 2.86
CA ILE A 58 -9.77 -9.21 3.59
C ILE A 58 -9.51 -10.40 2.67
N ALA A 59 -8.24 -10.61 2.32
CA ALA A 59 -7.86 -11.72 1.45
C ALA A 59 -6.46 -11.48 0.88
N ILE A 60 -6.02 -10.23 0.87
CA ILE A 60 -4.70 -9.89 0.33
C ILE A 60 -3.59 -10.32 1.30
N ASP A 61 -2.63 -11.08 0.76
CA ASP A 61 -1.50 -11.57 1.55
C ASP A 61 -1.97 -12.35 2.79
N PHE A 62 -2.20 -11.65 3.89
CA PHE A 62 -2.63 -12.32 5.12
C PHE A 62 -3.34 -11.33 6.04
N MET A 1 1.39 18.62 25.59
CA MET A 1 0.42 19.72 25.88
C MET A 1 -0.98 19.23 25.47
N ARG A 2 -1.92 20.16 25.33
CA ARG A 2 -3.28 19.78 24.93
C ARG A 2 -3.39 19.83 23.40
N ASP A 3 -3.08 18.69 22.78
CA ASP A 3 -3.11 18.59 21.33
C ASP A 3 -4.53 18.80 20.79
N MET A 4 -5.52 18.14 21.40
CA MET A 4 -6.91 18.27 20.98
C MET A 4 -7.85 17.80 22.09
N THR A 5 -9.08 18.29 22.08
CA THR A 5 -10.06 17.91 23.10
C THR A 5 -10.60 16.52 22.82
N GLU A 6 -10.49 15.63 23.80
CA GLU A 6 -10.96 14.25 23.67
C GLU A 6 -11.60 13.77 24.97
N GLU A 7 -12.76 13.12 24.85
CA GLU A 7 -13.48 12.61 26.03
C GLU A 7 -13.70 11.11 25.93
N THR A 8 -14.37 10.66 24.86
CA THR A 8 -14.62 9.23 24.67
C THR A 8 -13.92 8.75 23.41
N ARG A 9 -13.06 7.75 23.55
CA ARG A 9 -12.34 7.20 22.42
C ARG A 9 -13.32 6.48 21.50
N LYS A 10 -14.41 6.03 22.09
CA LYS A 10 -15.45 5.30 21.37
C LYS A 10 -14.84 4.13 20.60
N ASP A 11 -15.09 4.09 19.30
CA ASP A 11 -14.59 3.01 18.46
C ASP A 11 -13.17 3.28 17.97
N LEU A 12 -12.57 2.26 17.36
CA LEU A 12 -11.21 2.36 16.85
C LEU A 12 -11.09 3.51 15.83
N PRO A 13 -9.96 4.17 15.78
CA PRO A 13 -9.75 5.30 14.82
C PRO A 13 -9.77 4.82 13.37
N PRO A 14 -9.93 5.73 12.44
CA PRO A 14 -9.96 5.39 10.99
C PRO A 14 -8.95 4.30 10.63
N GLU A 15 -9.36 3.04 10.78
CA GLU A 15 -8.49 1.92 10.47
C GLU A 15 -8.22 1.87 8.97
N ALA A 16 -9.24 2.20 8.19
CA ALA A 16 -9.13 2.19 6.74
C ALA A 16 -8.11 3.23 6.30
N LEU A 17 -7.99 4.31 7.07
CA LEU A 17 -7.04 5.35 6.74
C LEU A 17 -5.62 4.81 6.77
N ARG A 18 -5.31 4.06 7.82
CA ARG A 18 -3.98 3.46 7.96
C ARG A 18 -3.77 2.44 6.85
N ALA A 19 -4.85 1.75 6.48
CA ALA A 19 -4.77 0.75 5.43
C ALA A 19 -4.06 1.34 4.22
N LEU A 20 -4.07 2.66 4.15
CA LEU A 20 -3.43 3.38 3.05
C LEU A 20 -1.94 3.06 3.08
N ALA A 21 -1.37 2.97 4.28
CA ALA A 21 0.05 2.68 4.43
C ALA A 21 0.43 1.42 3.63
N GLU A 22 -0.55 0.57 3.36
CA GLU A 22 -0.29 -0.65 2.60
C GLU A 22 0.18 -0.27 1.19
N ALA A 23 -0.28 0.88 0.72
CA ALA A 23 0.12 1.38 -0.60
C ALA A 23 1.64 1.43 -0.70
N GLU A 24 2.29 1.48 0.45
CA GLU A 24 3.75 1.53 0.51
C GLU A 24 4.35 0.31 -0.17
N GLU A 25 3.66 -0.83 -0.07
CA GLU A 25 4.13 -2.07 -0.69
C GLU A 25 4.44 -1.81 -2.16
N ARG A 26 3.88 -0.73 -2.71
CA ARG A 26 4.08 -0.38 -4.12
C ARG A 26 4.39 1.10 -4.27
N ARG A 27 4.86 1.49 -5.47
CA ARG A 27 5.21 2.88 -5.73
C ARG A 27 4.08 3.82 -5.29
N ARG A 28 4.09 4.18 -4.01
CA ARG A 28 3.08 5.08 -3.47
C ARG A 28 3.28 6.51 -3.97
N ARG A 29 4.50 6.81 -4.41
CA ARG A 29 4.81 8.14 -4.92
C ARG A 29 3.83 8.53 -6.02
N ALA A 30 3.55 7.60 -6.93
CA ALA A 30 2.64 7.87 -8.03
C ALA A 30 1.21 8.03 -7.52
N LYS A 31 0.83 7.19 -6.56
CA LYS A 31 -0.51 7.24 -6.01
C LYS A 31 -0.81 8.64 -5.46
N ALA A 32 0.14 9.18 -4.68
CA ALA A 32 -0.03 10.50 -4.11
C ALA A 32 0.01 11.57 -5.20
N LEU A 33 1.10 11.59 -5.97
CA LEU A 33 1.25 12.54 -7.07
C LEU A 33 1.85 13.84 -6.56
N ASP A 34 3.15 13.80 -6.29
CA ASP A 34 3.86 14.98 -5.80
C ASP A 34 2.98 15.81 -4.87
N LEU A 35 2.23 16.75 -5.45
CA LEU A 35 1.34 17.61 -4.67
C LEU A 35 2.11 18.45 -3.65
N PRO A 36 2.83 19.45 -4.11
CA PRO A 36 3.62 20.33 -3.19
C PRO A 36 2.73 21.28 -2.38
N LYS A 37 3.21 21.68 -1.20
CA LYS A 37 2.46 22.57 -0.33
C LYS A 37 2.84 24.03 -0.59
N GLU A 38 1.93 24.94 -0.27
CA GLU A 38 2.18 26.38 -0.47
C GLU A 38 1.69 27.18 0.74
N ILE A 39 0.65 26.69 1.41
CA ILE A 39 0.11 27.37 2.59
C ILE A 39 1.15 27.40 3.71
N GLY A 40 1.82 26.27 3.93
CA GLY A 40 2.83 26.17 4.98
C GLY A 40 4.04 27.06 4.69
N GLY A 41 4.41 27.19 3.42
CA GLY A 41 5.55 28.01 3.03
C GLY A 41 5.13 29.43 2.64
N ARG A 42 5.91 30.42 3.08
CA ARG A 42 5.61 31.82 2.80
C ARG A 42 5.74 32.13 1.30
N ASN A 43 6.51 31.32 0.59
CA ASN A 43 6.71 31.53 -0.85
C ASN A 43 7.27 32.92 -1.13
N GLY A 44 7.41 33.26 -2.41
CA GLY A 44 7.94 34.55 -2.83
C GLY A 44 7.11 35.17 -3.96
N PRO A 45 5.87 35.49 -3.69
CA PRO A 45 4.94 36.07 -4.69
C PRO A 45 5.23 37.56 -4.95
N GLU A 46 4.81 38.03 -6.13
CA GLU A 46 5.03 39.43 -6.50
C GLU A 46 3.90 39.93 -7.42
N PRO A 47 2.73 40.17 -6.86
CA PRO A 47 1.55 40.67 -7.63
C PRO A 47 1.85 42.02 -8.30
N VAL A 48 1.27 42.23 -9.49
CA VAL A 48 1.49 43.47 -10.24
C VAL A 48 0.36 44.47 -9.97
N ARG A 49 0.73 45.71 -9.63
CA ARG A 49 -0.25 46.76 -9.36
C ARG A 49 -0.57 47.56 -10.62
N PHE A 50 -1.21 46.90 -11.58
CA PHE A 50 -1.57 47.54 -12.85
C PHE A 50 -0.44 48.44 -13.34
N GLY A 51 0.71 47.81 -13.62
CA GLY A 51 1.87 48.55 -14.11
C GLY A 51 1.60 49.15 -15.48
N ASP A 52 0.90 48.40 -16.33
CA ASP A 52 0.59 48.85 -17.69
C ASP A 52 -0.74 49.61 -17.74
N TRP A 53 -0.67 50.94 -17.62
CA TRP A 53 -1.86 51.79 -17.65
C TRP A 53 -2.18 52.22 -19.08
N GLU A 54 -2.88 51.36 -19.82
CA GLU A 54 -3.26 51.67 -21.21
C GLU A 54 -2.13 52.40 -21.93
N LYS A 55 -1.16 51.64 -22.43
CA LYS A 55 -0.01 52.22 -23.14
C LYS A 55 -0.05 51.83 -24.63
N LYS A 56 0.00 52.84 -25.50
CA LYS A 56 -0.01 52.59 -26.94
C LYS A 56 1.23 51.81 -27.38
N GLY A 57 2.38 52.17 -26.83
CA GLY A 57 3.63 51.49 -27.18
C GLY A 57 4.20 52.03 -28.49
N ILE A 58 5.26 52.82 -28.38
CA ILE A 58 5.89 53.41 -29.56
C ILE A 58 4.89 54.22 -30.37
N ALA A 59 4.03 54.95 -29.66
CA ALA A 59 3.03 55.78 -30.31
C ALA A 59 2.33 56.68 -29.30
N ILE A 60 3.09 57.19 -28.34
CA ILE A 60 2.54 58.05 -27.29
C ILE A 60 2.11 59.40 -27.87
N ASP A 61 2.72 59.80 -28.98
CA ASP A 61 2.40 61.06 -29.64
C ASP A 61 2.28 62.21 -28.63
N PHE A 62 1.08 62.40 -28.08
CA PHE A 62 0.83 63.47 -27.11
C PHE A 62 1.64 63.25 -25.84
N MET A 1 -26.05 21.94 16.87
CA MET A 1 -27.23 22.37 17.66
C MET A 1 -27.64 21.25 18.62
N ARG A 2 -27.23 20.03 18.31
CA ARG A 2 -27.56 18.90 19.17
C ARG A 2 -26.87 19.08 20.52
N ASP A 3 -25.64 19.58 20.47
CA ASP A 3 -24.86 19.84 21.67
C ASP A 3 -24.82 18.61 22.59
N MET A 4 -24.77 17.42 21.96
CA MET A 4 -24.72 16.16 22.72
C MET A 4 -23.61 15.25 22.15
N THR A 5 -22.58 15.00 22.96
CA THR A 5 -21.47 14.15 22.53
C THR A 5 -21.09 14.46 21.08
N GLU A 6 -20.38 15.56 20.89
CA GLU A 6 -19.95 15.98 19.56
C GLU A 6 -18.71 15.19 19.12
N GLU A 7 -18.72 14.72 17.87
CA GLU A 7 -17.60 13.95 17.33
C GLU A 7 -16.95 14.70 16.16
N THR A 8 -15.62 14.81 16.21
CA THR A 8 -14.87 15.49 15.15
C THR A 8 -13.51 14.83 14.96
N ARG A 9 -12.89 15.06 13.81
CA ARG A 9 -11.59 14.47 13.52
C ARG A 9 -11.71 12.95 13.55
N LYS A 10 -10.74 12.26 12.94
CA LYS A 10 -10.73 10.80 12.89
C LYS A 10 -11.87 10.30 11.99
N ASP A 11 -13.02 10.98 12.06
CA ASP A 11 -14.18 10.63 11.24
C ASP A 11 -14.28 9.13 10.99
N LEU A 12 -13.62 8.67 9.94
CA LEU A 12 -13.63 7.25 9.59
C LEU A 12 -12.57 6.48 10.40
N PRO A 13 -12.85 5.24 10.78
CA PRO A 13 -11.87 4.43 11.55
C PRO A 13 -10.43 4.58 11.02
N PRO A 14 -9.44 4.36 11.85
CA PRO A 14 -8.00 4.47 11.44
C PRO A 14 -7.59 3.33 10.50
N GLU A 15 -8.42 2.29 10.43
CA GLU A 15 -8.13 1.14 9.59
C GLU A 15 -7.99 1.59 8.13
N ALA A 16 -8.81 2.56 7.74
CA ALA A 16 -8.77 3.08 6.40
C ALA A 16 -7.50 3.89 6.18
N LEU A 17 -7.10 4.64 7.20
CA LEU A 17 -5.90 5.45 7.11
C LEU A 17 -4.69 4.53 6.93
N ARG A 18 -4.64 3.49 7.75
CA ARG A 18 -3.54 2.54 7.67
C ARG A 18 -3.56 1.83 6.32
N ALA A 19 -4.76 1.56 5.82
CA ALA A 19 -4.90 0.87 4.54
C ALA A 19 -4.06 1.58 3.50
N LEU A 20 -4.00 2.90 3.60
CA LEU A 20 -3.21 3.70 2.67
C LEU A 20 -1.75 3.33 2.82
N ALA A 21 -1.30 3.14 4.07
CA ALA A 21 0.08 2.77 4.34
C ALA A 21 0.39 1.38 3.79
N GLU A 22 -0.58 0.47 3.89
CA GLU A 22 -0.37 -0.89 3.37
C GLU A 22 -0.20 -0.85 1.86
N ALA A 23 -1.04 -0.05 1.21
CA ALA A 23 -0.96 0.10 -0.24
C ALA A 23 0.35 0.78 -0.63
N GLU A 24 0.91 1.53 0.32
CA GLU A 24 2.16 2.24 0.08
C GLU A 24 3.31 1.24 -0.08
N GLU A 25 3.46 0.35 0.89
CA GLU A 25 4.52 -0.66 0.84
C GLU A 25 4.23 -1.68 -0.25
N ARG A 26 2.94 -1.99 -0.41
CA ARG A 26 2.49 -2.96 -1.41
C ARG A 26 3.48 -4.13 -1.55
N ARG A 27 4.07 -4.27 -2.73
CA ARG A 27 5.02 -5.35 -2.98
C ARG A 27 5.61 -5.24 -4.39
N ARG A 28 5.88 -4.01 -4.81
CA ARG A 28 6.43 -3.76 -6.14
C ARG A 28 7.85 -4.32 -6.25
N ARG A 29 8.62 -4.18 -5.17
CA ARG A 29 10.01 -4.67 -5.16
C ARG A 29 10.04 -6.19 -5.31
N ALA A 30 9.11 -6.86 -4.64
CA ALA A 30 9.03 -8.32 -4.71
C ALA A 30 8.62 -8.78 -6.10
N LYS A 31 7.74 -8.02 -6.72
CA LYS A 31 7.26 -8.37 -8.06
C LYS A 31 8.41 -8.32 -9.06
N ALA A 32 9.27 -7.31 -8.92
CA ALA A 32 10.41 -7.15 -9.80
C ALA A 32 11.64 -7.88 -9.27
N LEU A 33 11.41 -8.78 -8.31
CA LEU A 33 12.50 -9.55 -7.71
C LEU A 33 12.59 -10.94 -8.32
N ASP A 34 11.43 -11.51 -8.64
CA ASP A 34 11.37 -12.83 -9.25
C ASP A 34 12.31 -13.80 -8.52
N LEU A 35 11.93 -14.23 -7.32
CA LEU A 35 12.76 -15.15 -6.55
C LEU A 35 11.91 -15.97 -5.57
N PRO A 36 10.95 -16.69 -6.07
CA PRO A 36 10.05 -17.54 -5.21
C PRO A 36 10.80 -18.69 -4.56
N LYS A 37 10.32 -19.12 -3.39
CA LYS A 37 10.95 -20.21 -2.65
C LYS A 37 10.79 -21.53 -3.39
N GLU A 38 11.89 -22.30 -3.47
CA GLU A 38 11.87 -23.59 -4.16
C GLU A 38 12.81 -24.59 -3.47
N ILE A 39 13.96 -24.11 -3.03
CA ILE A 39 14.95 -24.96 -2.34
C ILE A 39 15.31 -24.35 -0.99
N GLY A 40 15.31 -25.18 0.05
CA GLY A 40 15.64 -24.71 1.40
C GLY A 40 15.95 -25.88 2.34
N GLY A 41 16.47 -25.56 3.52
CA GLY A 41 16.80 -26.59 4.51
C GLY A 41 18.14 -27.24 4.20
N ARG A 42 19.10 -26.46 3.72
CA ARG A 42 20.42 -26.98 3.39
C ARG A 42 21.12 -27.55 4.62
N ASN A 43 21.69 -28.76 4.47
CA ASN A 43 22.40 -29.43 5.57
C ASN A 43 23.92 -29.31 5.38
N GLY A 44 24.45 -28.11 5.60
CA GLY A 44 25.88 -27.88 5.44
C GLY A 44 26.70 -28.88 6.26
N PRO A 45 27.99 -28.87 6.10
CA PRO A 45 28.90 -29.80 6.83
C PRO A 45 29.15 -29.35 8.27
N GLU A 46 28.68 -30.15 9.23
CA GLU A 46 28.86 -29.85 10.65
C GLU A 46 30.14 -30.47 11.21
N PRO A 47 30.54 -31.64 10.74
CA PRO A 47 31.77 -32.33 11.23
C PRO A 47 33.03 -31.47 11.02
N VAL A 48 34.00 -31.60 11.93
CA VAL A 48 35.24 -30.82 11.85
C VAL A 48 36.30 -31.57 11.05
N ARG A 49 36.93 -30.87 10.11
CA ARG A 49 37.97 -31.47 9.27
C ARG A 49 39.32 -31.46 9.99
N PHE A 50 39.33 -31.89 11.25
CA PHE A 50 40.56 -31.94 12.03
C PHE A 50 41.57 -32.86 11.37
N GLY A 51 41.11 -34.04 10.94
CA GLY A 51 41.99 -35.01 10.29
C GLY A 51 42.41 -34.52 8.91
N ASP A 52 43.71 -34.53 8.64
CA ASP A 52 44.24 -34.07 7.35
C ASP A 52 45.38 -34.99 6.87
N TRP A 53 46.12 -34.52 5.86
CA TRP A 53 47.22 -35.30 5.31
C TRP A 53 48.53 -35.01 6.05
N GLU A 54 49.32 -36.05 6.30
CA GLU A 54 50.60 -35.88 7.00
C GLU A 54 51.51 -37.09 6.76
N LYS A 55 50.91 -38.26 6.58
CA LYS A 55 51.66 -39.50 6.34
C LYS A 55 52.99 -39.50 7.10
N LYS A 56 54.05 -40.02 6.46
CA LYS A 56 55.37 -40.09 7.09
C LYS A 56 56.47 -39.98 6.03
N GLY A 57 57.63 -39.47 6.45
CA GLY A 57 58.77 -39.32 5.53
C GLY A 57 58.70 -37.97 4.81
N ILE A 58 59.73 -37.16 5.00
CA ILE A 58 59.79 -35.84 4.36
C ILE A 58 58.41 -35.18 4.33
N ALA A 59 57.55 -35.58 5.27
CA ALA A 59 56.19 -35.03 5.34
C ALA A 59 55.82 -34.69 6.77
N ILE A 60 56.78 -34.86 7.69
CA ILE A 60 56.54 -34.55 9.09
C ILE A 60 56.28 -33.06 9.30
N ASP A 61 57.08 -32.23 8.65
CA ASP A 61 56.95 -30.77 8.76
C ASP A 61 55.61 -30.29 8.21
N PHE A 62 55.20 -30.84 7.06
CA PHE A 62 53.94 -30.45 6.43
C PHE A 62 52.80 -31.35 6.88
#